data_2KY7
#
_entry.id   2KY7
#
loop_
_entity.id
_entity.type
_entity.pdbx_description
1 polymer "5'-D(*AP*AP*CP*AP*AP*TP*TP*GP*TP*T)-3'"
2 non-polymer 2-{2-[4-(3-{[(11aS)-7-methoxy-5-oxo-2,3,5,10,11,11a-hexahydro-1H-pyrrolo[2,1-c][1,4]benzodiazepin-8-yl]oxy}propyl)piperazin-1-yl]ethyl}-1H-benzo[de]isoquinoline-1,3(2H)-dione
#
_entity_poly.entity_id   1
_entity_poly.type   'polydeoxyribonucleotide'
_entity_poly.pdbx_seq_one_letter_code
;(DA)(DA)(DC)(DA)(DA)(DT)(DT)(DG)(DT)(DT)
;
_entity_poly.pdbx_strand_id   A,B
#